data_6TM7
#
_entry.id   6TM7
#
_cell.length_a   63.270
_cell.length_b   102.660
_cell.length_c   157.300
_cell.angle_alpha   90.000
_cell.angle_beta   90.000
_cell.angle_gamma   90.000
#
_symmetry.space_group_name_H-M   'P 21 21 21'
#
loop_
_entity.id
_entity.type
_entity.pdbx_description
1 polymer '14-3-3 protein sigma'
2 non-polymer 'SULFATE ION'
3 non-polymer "PYRIDOXAL-5'-PHOSPHATE"
4 water water
#
_entity_poly.entity_id   1
_entity_poly.type   'polypeptide(L)'
_entity_poly.pdbx_seq_one_letter_code
;MSYYHHHHHHDYDIPTTENLYFQGAMGSMERASLIQKAKLAEQAERYEDMAAFMKGAVEKGEELSCEERNLLSVAYKNVV
GGQRAAWRVLSSIEQKSNEEGSEEKGPEVREYREKVETELQGVCDTVLGLLDSHLIKEAGDAESRVFYLKMKGDYYRYLA
EVATGDDKKRIIDSARSAYQEAMDISKKEMPPTNPIRLGLALNFSVFHYEIANSPEEAISLAKTTFDEAMADLHTLSEDS
YKDSTLIMQLLRDNLTLWTADNAGEEGGEAPQEPQS
;
_entity_poly.pdbx_strand_id   A,B
#
# COMPACT_ATOMS: atom_id res chain seq x y z
N GLY A 24 -9.38 7.02 -17.84
CA GLY A 24 -10.10 7.91 -16.88
C GLY A 24 -10.48 9.23 -17.54
N ALA A 25 -10.10 10.35 -16.91
CA ALA A 25 -10.47 11.68 -17.38
C ALA A 25 -9.71 12.07 -18.66
N MET A 26 -8.82 11.20 -19.15
CA MET A 26 -7.90 11.57 -20.22
C MET A 26 -7.82 10.42 -21.23
N GLY A 27 -8.75 9.46 -21.12
CA GLY A 27 -8.70 8.31 -22.01
C GLY A 27 -8.93 8.75 -23.45
N SER A 28 -9.89 9.66 -23.61
CA SER A 28 -10.36 10.08 -24.92
C SER A 28 -9.27 10.85 -25.66
N MET A 29 -8.23 11.30 -24.96
CA MET A 29 -7.31 12.22 -25.63
C MET A 29 -6.19 11.47 -26.34
N GLU A 30 -5.73 11.99 -27.48
CA GLU A 30 -4.63 11.36 -28.16
C GLU A 30 -3.35 11.54 -27.34
N ARG A 31 -2.48 10.51 -27.38
CA ARG A 31 -1.29 10.49 -26.56
C ARG A 31 -0.46 11.73 -26.85
N ALA A 32 -0.13 11.87 -28.14
CA ALA A 32 0.74 12.95 -28.58
C ALA A 32 0.17 14.31 -28.16
N SER A 33 -1.16 14.43 -28.03
CA SER A 33 -1.75 15.68 -27.59
C SER A 33 -1.50 15.91 -26.09
N LEU A 34 -1.58 14.82 -25.33
CA LEU A 34 -1.37 14.90 -23.90
C LEU A 34 -0.03 15.58 -23.64
N ILE A 35 1.04 14.98 -24.19
CA ILE A 35 2.35 15.60 -24.14
C ILE A 35 2.25 17.09 -24.48
N GLN A 36 1.68 17.44 -25.63
CA GLN A 36 1.80 18.84 -26.03
C GLN A 36 1.14 19.72 -24.97
N LYS A 37 0.00 19.26 -24.46
CA LYS A 37 -0.66 20.02 -23.42
C LYS A 37 0.22 20.03 -22.17
N ALA A 38 0.77 18.87 -21.77
CA ALA A 38 1.73 18.85 -20.69
C ALA A 38 2.69 20.01 -20.84
N LYS A 39 3.37 20.04 -22.00
CA LYS A 39 4.41 21.04 -22.23
C LYS A 39 3.81 22.46 -22.13
N LEU A 40 2.53 22.58 -22.48
CA LEU A 40 1.87 23.87 -22.45
C LEU A 40 1.60 24.28 -21.00
N ALA A 41 1.30 23.26 -20.19
CA ALA A 41 1.00 23.43 -18.79
C ALA A 41 2.26 23.99 -18.13
N GLU A 42 3.36 23.24 -18.35
CA GLU A 42 4.73 23.58 -17.99
C GLU A 42 4.88 25.09 -18.14
N GLN A 43 4.71 25.62 -19.35
CA GLN A 43 4.85 27.04 -19.62
C GLN A 43 3.90 27.90 -18.79
N ALA A 44 2.66 27.45 -18.59
CA ALA A 44 1.75 28.33 -17.88
C ALA A 44 1.98 28.20 -16.38
N GLU A 45 2.75 27.15 -16.02
CA GLU A 45 3.00 26.73 -14.66
C GLU A 45 1.69 26.26 -14.05
N ARG A 46 1.16 25.17 -14.59
CA ARG A 46 -0.06 24.52 -14.09
C ARG A 46 0.35 23.06 -13.91
N TYR A 47 1.41 22.90 -13.13
CA TYR A 47 2.09 21.61 -12.82
C TYR A 47 1.05 20.63 -12.32
N GLU A 48 0.07 21.20 -11.64
CA GLU A 48 -1.12 20.51 -11.12
C GLU A 48 -1.81 19.81 -12.30
N ASP A 49 -1.96 20.51 -13.43
CA ASP A 49 -2.53 19.93 -14.68
C ASP A 49 -1.45 19.19 -15.45
N MET A 50 -0.26 19.77 -15.56
CA MET A 50 0.87 19.12 -16.19
C MET A 50 0.98 17.68 -15.67
N ALA A 51 0.77 17.49 -14.37
CA ALA A 51 0.92 16.15 -13.83
C ALA A 51 -0.14 15.24 -14.40
N ALA A 52 -1.40 15.75 -14.41
CA ALA A 52 -2.58 15.06 -14.93
C ALA A 52 -2.37 14.59 -16.38
N PHE A 53 -2.10 15.55 -17.28
CA PHE A 53 -1.77 15.30 -18.68
C PHE A 53 -0.76 14.13 -18.77
N MET A 54 0.39 14.30 -18.11
CA MET A 54 1.43 13.28 -18.11
C MET A 54 0.93 11.98 -17.50
N LYS A 55 -0.02 12.06 -16.57
CA LYS A 55 -0.50 10.79 -16.05
C LYS A 55 -1.21 10.01 -17.16
N GLY A 56 -2.07 10.73 -17.88
CA GLY A 56 -2.81 10.16 -18.99
C GLY A 56 -1.82 9.66 -20.04
N ALA A 57 -0.83 10.53 -20.31
CA ALA A 57 0.32 10.12 -21.09
C ALA A 57 0.74 8.70 -20.70
N VAL A 58 1.14 8.49 -19.44
CA VAL A 58 1.66 7.17 -19.09
C VAL A 58 0.60 6.09 -19.31
N GLU A 59 -0.65 6.36 -18.91
CA GLU A 59 -1.67 5.34 -18.92
C GLU A 59 -1.87 4.70 -20.30
N LYS A 60 -1.29 5.32 -21.34
CA LYS A 60 -1.47 4.87 -22.71
C LYS A 60 -0.76 3.55 -22.98
N GLY A 61 0.31 3.24 -22.23
CA GLY A 61 0.95 1.94 -22.30
C GLY A 61 2.31 2.00 -23.00
N GLU A 62 2.55 3.08 -23.75
CA GLU A 62 3.80 3.25 -24.46
C GLU A 62 4.88 3.74 -23.51
N GLU A 63 6.14 3.39 -23.80
CA GLU A 63 7.28 3.75 -22.96
C GLU A 63 7.54 5.24 -23.11
N LEU A 64 8.24 5.84 -22.15
CA LEU A 64 8.47 7.27 -22.26
C LEU A 64 9.82 7.48 -22.91
N SER A 65 9.95 8.60 -23.61
CA SER A 65 11.25 9.08 -24.08
C SER A 65 12.04 9.60 -22.87
N CYS A 66 13.26 10.09 -23.11
CA CYS A 66 13.98 10.84 -22.09
C CYS A 66 13.20 12.12 -21.77
N GLU A 67 12.91 12.89 -22.81
CA GLU A 67 12.31 14.20 -22.64
C GLU A 67 11.00 14.09 -21.86
N GLU A 68 10.37 12.91 -21.97
CA GLU A 68 9.06 12.67 -21.41
C GLU A 68 9.18 12.38 -19.92
N ARG A 69 9.99 11.37 -19.57
CA ARG A 69 10.32 11.04 -18.19
C ARG A 69 10.48 12.33 -17.39
N ASN A 70 11.20 13.30 -17.97
CA ASN A 70 11.60 14.52 -17.29
C ASN A 70 10.40 15.41 -17.00
N LEU A 71 9.48 15.47 -17.96
CA LEU A 71 8.23 16.17 -17.76
C LEU A 71 7.46 15.51 -16.59
N LEU A 72 7.16 14.21 -16.73
CA LEU A 72 6.54 13.45 -15.67
C LEU A 72 7.11 13.88 -14.32
N SER A 73 8.41 13.57 -14.18
CA SER A 73 9.24 13.91 -13.05
C SER A 73 8.95 15.33 -12.57
N VAL A 74 9.19 16.27 -13.47
CA VAL A 74 9.15 17.68 -13.12
C VAL A 74 7.75 18.02 -12.64
N ALA A 75 6.74 17.53 -13.36
CA ALA A 75 5.37 17.96 -13.07
C ALA A 75 5.03 17.54 -11.64
N TYR A 76 5.39 16.30 -11.32
CA TYR A 76 5.13 15.68 -10.01
C TYR A 76 6.05 16.25 -8.95
N LYS A 77 7.35 16.43 -9.25
CA LYS A 77 8.25 17.12 -8.35
C LYS A 77 7.56 18.40 -7.88
N ASN A 78 7.13 19.23 -8.82
CA ASN A 78 6.50 20.53 -8.52
C ASN A 78 5.21 20.43 -7.69
N VAL A 79 4.41 19.39 -7.86
CA VAL A 79 3.15 19.30 -7.15
C VAL A 79 3.51 18.86 -5.74
N VAL A 80 4.17 17.70 -5.63
CA VAL A 80 4.45 17.03 -4.38
C VAL A 80 5.34 17.93 -3.54
N GLY A 81 6.17 18.69 -4.25
CA GLY A 81 7.04 19.69 -3.66
C GLY A 81 6.23 20.66 -2.79
N GLY A 82 5.56 21.61 -3.43
CA GLY A 82 4.88 22.67 -2.70
C GLY A 82 3.95 22.11 -1.63
N GLN A 83 3.59 20.81 -1.78
CA GLN A 83 2.80 20.13 -0.77
C GLN A 83 3.61 19.97 0.51
N ARG A 84 4.76 19.30 0.41
CA ARG A 84 5.65 19.13 1.59
C ARG A 84 6.06 20.50 2.12
N ALA A 85 6.00 21.54 1.27
CA ALA A 85 6.37 22.89 1.68
C ALA A 85 5.36 23.40 2.71
N ALA A 86 4.08 23.38 2.36
CA ALA A 86 3.05 23.89 3.26
C ALA A 86 2.86 22.94 4.44
N TRP A 87 3.17 21.66 4.26
CA TRP A 87 3.18 20.73 5.38
C TRP A 87 4.20 21.20 6.43
N ARG A 88 5.43 21.45 6.01
CA ARG A 88 6.49 21.85 6.96
C ARG A 88 6.10 23.17 7.60
N VAL A 89 5.59 24.11 6.82
CA VAL A 89 5.12 25.36 7.38
C VAL A 89 4.09 25.08 8.48
N LEU A 90 3.14 24.17 8.21
CA LEU A 90 2.07 23.88 9.17
C LEU A 90 2.66 23.10 10.34
N SER A 91 3.42 22.06 10.01
CA SER A 91 4.06 21.20 11.01
C SER A 91 4.90 21.99 12.01
N SER A 92 5.58 23.06 11.58
CA SER A 92 6.29 23.93 12.51
C SER A 92 5.27 24.54 13.45
N ILE A 93 4.29 25.25 12.88
CA ILE A 93 3.32 26.02 13.64
C ILE A 93 2.59 25.10 14.61
N GLU A 94 2.79 23.78 14.46
CA GLU A 94 2.25 22.79 15.38
C GLU A 94 3.16 22.57 16.59
N GLN A 95 4.47 22.80 16.46
CA GLN A 95 5.37 22.79 17.60
C GLN A 95 5.26 24.08 18.41
N LYS A 96 5.36 25.23 17.73
CA LYS A 96 5.20 26.55 18.31
C LYS A 96 3.87 26.64 19.08
N SER A 97 3.00 25.62 18.88
CA SER A 97 1.77 25.48 19.65
C SER A 97 1.90 24.31 20.63
N ASN A 98 2.99 24.34 21.41
CA ASN A 98 3.15 23.52 22.59
C ASN A 98 3.27 24.43 23.82
N GLU A 99 2.30 25.38 23.89
CA GLU A 99 1.94 26.27 25.00
C GLU A 99 0.60 26.97 24.67
N LYS A 105 -3.54 25.77 21.72
CA LYS A 105 -4.39 26.98 21.65
C LYS A 105 -5.60 26.73 20.74
N GLY A 106 -5.74 25.49 20.22
CA GLY A 106 -6.87 25.10 19.38
C GLY A 106 -6.48 24.02 18.36
N PRO A 107 -7.39 23.10 18.00
CA PRO A 107 -7.04 21.92 17.20
C PRO A 107 -6.94 22.20 15.71
N GLU A 108 -7.30 23.44 15.34
CA GLU A 108 -7.41 23.87 13.95
C GLU A 108 -6.14 23.57 13.19
N VAL A 109 -5.00 23.88 13.79
CA VAL A 109 -3.74 23.69 13.09
C VAL A 109 -3.49 22.20 12.88
N ARG A 110 -3.83 21.34 13.83
CA ARG A 110 -3.63 19.91 13.67
C ARG A 110 -4.46 19.39 12.49
N GLU A 111 -5.69 19.89 12.36
CA GLU A 111 -6.59 19.34 11.39
C GLU A 111 -6.11 19.71 9.99
N TYR A 112 -5.71 20.97 9.84
CA TYR A 112 -5.37 21.49 8.52
C TYR A 112 -4.01 20.96 8.10
N ARG A 113 -3.23 20.57 9.11
CA ARG A 113 -1.94 19.87 8.92
C ARG A 113 -2.29 18.45 8.49
N GLU A 114 -3.40 17.91 9.02
CA GLU A 114 -3.86 16.58 8.61
C GLU A 114 -4.39 16.64 7.17
N LYS A 115 -5.21 17.65 6.86
CA LYS A 115 -5.80 17.70 5.52
C LYS A 115 -4.68 17.62 4.48
N VAL A 116 -3.68 18.50 4.61
CA VAL A 116 -2.56 18.65 3.69
C VAL A 116 -1.72 17.38 3.65
N GLU A 117 -1.49 16.80 4.84
CA GLU A 117 -0.89 15.49 4.96
C GLU A 117 -1.61 14.52 4.03
N THR A 118 -2.95 14.51 4.08
CA THR A 118 -3.70 13.59 3.25
C THR A 118 -3.37 13.80 1.78
N GLU A 119 -3.50 15.05 1.31
CA GLU A 119 -3.28 15.42 -0.09
C GLU A 119 -1.95 14.87 -0.60
N LEU A 120 -0.86 15.21 0.09
CA LEU A 120 0.45 14.68 -0.21
C LEU A 120 0.44 13.15 -0.20
N GLN A 121 -0.18 12.51 0.80
CA GLN A 121 -0.24 11.05 0.82
C GLN A 121 -0.76 10.61 -0.55
N GLY A 122 -1.78 11.38 -1.02
CA GLY A 122 -2.58 11.05 -2.19
C GLY A 122 -1.77 11.11 -3.47
N VAL A 123 -1.13 12.25 -3.69
CA VAL A 123 -0.24 12.43 -4.81
C VAL A 123 0.87 11.38 -4.80
N CYS A 124 1.45 11.06 -3.64
CA CYS A 124 2.49 10.05 -3.67
C CYS A 124 1.92 8.69 -4.06
N ASP A 125 0.73 8.39 -3.55
CA ASP A 125 0.09 7.13 -3.87
C ASP A 125 -0.16 7.04 -5.39
N THR A 126 -0.52 8.17 -6.01
CA THR A 126 -0.67 8.25 -7.45
C THR A 126 0.65 7.91 -8.17
N VAL A 127 1.70 8.72 -7.96
CA VAL A 127 2.96 8.51 -8.66
C VAL A 127 3.47 7.10 -8.39
N LEU A 128 3.17 6.55 -7.19
CA LEU A 128 3.76 5.27 -6.85
C LEU A 128 3.06 4.14 -7.58
N GLY A 129 1.79 4.36 -7.93
CA GLY A 129 1.07 3.34 -8.65
C GLY A 129 1.16 3.52 -10.16
N LEU A 130 1.76 4.62 -10.60
CA LEU A 130 2.13 4.72 -11.99
C LEU A 130 3.43 3.93 -12.18
N LEU A 131 4.39 4.23 -11.29
CA LEU A 131 5.70 3.62 -11.35
C LEU A 131 5.48 2.12 -11.28
N ASP A 132 4.58 1.69 -10.38
CA ASP A 132 4.30 0.27 -10.23
C ASP A 132 3.62 -0.31 -11.48
N SER A 133 2.51 0.30 -11.90
CA SER A 133 1.66 -0.42 -12.82
C SER A 133 2.17 -0.33 -14.27
N HIS A 134 3.12 0.56 -14.56
CA HIS A 134 3.52 0.81 -15.94
C HIS A 134 5.03 0.94 -16.09
N LEU A 135 5.60 1.97 -15.45
CA LEU A 135 6.86 2.55 -15.88
C LEU A 135 8.08 1.65 -15.61
N ILE A 136 8.13 0.96 -14.47
CA ILE A 136 9.17 -0.03 -14.21
C ILE A 136 8.75 -1.32 -14.92
N LYS A 137 9.42 -1.63 -16.05
CA LYS A 137 9.01 -2.74 -16.89
C LYS A 137 10.05 -3.87 -16.81
N GLU A 138 9.67 -5.06 -17.31
CA GLU A 138 10.35 -6.34 -17.11
C GLU A 138 11.85 -6.26 -17.37
N ALA A 139 12.24 -6.01 -18.63
CA ALA A 139 13.64 -5.81 -18.98
C ALA A 139 13.97 -4.31 -18.96
N GLY A 140 13.12 -3.53 -19.64
CA GLY A 140 13.28 -2.10 -19.84
C GLY A 140 14.59 -1.77 -20.55
N ASP A 141 15.14 -0.59 -20.24
CA ASP A 141 16.52 -0.23 -20.55
C ASP A 141 17.22 0.03 -19.22
N ALA A 142 18.56 0.09 -19.25
CA ALA A 142 19.36 0.33 -18.07
C ALA A 142 19.25 1.78 -17.58
N GLU A 143 19.36 2.76 -18.50
CA GLU A 143 19.42 4.17 -18.12
C GLU A 143 18.12 4.62 -17.46
N SER A 144 17.00 4.03 -17.90
CA SER A 144 15.71 4.47 -17.44
C SER A 144 15.28 3.68 -16.21
N ARG A 145 15.40 2.34 -16.23
CA ARG A 145 15.12 1.51 -15.07
C ARG A 145 15.47 2.27 -13.78
N VAL A 146 16.61 2.99 -13.83
CA VAL A 146 17.24 3.71 -12.74
C VAL A 146 16.47 4.99 -12.45
N PHE A 147 16.18 5.79 -13.49
CA PHE A 147 15.33 6.96 -13.29
C PHE A 147 14.10 6.56 -12.45
N TYR A 148 13.48 5.43 -12.83
CA TYR A 148 12.21 5.00 -12.26
C TYR A 148 12.34 4.49 -10.82
N LEU A 149 13.47 3.85 -10.50
CA LEU A 149 13.60 3.34 -9.15
C LEU A 149 14.04 4.43 -8.19
N LYS A 150 14.93 5.31 -8.64
CA LYS A 150 15.18 6.59 -7.97
C LYS A 150 13.86 7.25 -7.57
N MET A 151 12.90 7.31 -8.52
CA MET A 151 11.59 7.94 -8.31
C MET A 151 10.80 7.18 -7.23
N LYS A 152 10.71 5.84 -7.37
CA LYS A 152 10.07 4.98 -6.38
C LYS A 152 10.64 5.37 -5.01
N GLY A 153 11.98 5.39 -5.00
CA GLY A 153 12.77 5.80 -3.84
C GLY A 153 12.24 7.10 -3.24
N ASP A 154 12.30 8.17 -4.01
CA ASP A 154 11.93 9.48 -3.43
C ASP A 154 10.49 9.50 -2.95
N TYR A 155 9.57 8.99 -3.73
CA TYR A 155 8.13 9.07 -3.35
C TYR A 155 7.79 8.18 -2.16
N TYR A 156 8.58 7.16 -1.86
CA TYR A 156 8.29 6.35 -0.66
C TYR A 156 8.87 7.08 0.56
N ARG A 157 9.86 7.94 0.28
CA ARG A 157 10.57 8.73 1.30
C ARG A 157 9.81 10.02 1.59
N TYR A 158 9.00 10.50 0.67
CA TYR A 158 8.26 11.71 0.99
C TYR A 158 7.10 11.30 1.87
N LEU A 159 6.65 10.05 1.65
CA LEU A 159 5.66 9.41 2.50
C LEU A 159 6.30 9.24 3.86
N ALA A 160 7.54 8.76 3.88
CA ALA A 160 8.18 8.53 5.16
C ALA A 160 8.23 9.81 6.02
N GLU A 161 8.33 10.98 5.39
CA GLU A 161 8.56 12.25 6.08
C GLU A 161 7.38 12.60 7.02
N VAL A 162 6.29 11.82 6.94
CA VAL A 162 5.02 12.24 7.53
C VAL A 162 4.26 11.01 8.03
N ALA A 163 4.74 9.83 7.62
CA ALA A 163 4.25 8.56 8.12
C ALA A 163 4.59 8.39 9.59
N THR A 164 3.99 7.38 10.20
CA THR A 164 4.21 7.08 11.61
C THR A 164 3.95 5.59 11.79
N GLY A 165 4.08 5.11 13.04
CA GLY A 165 3.65 3.77 13.43
C GLY A 165 4.37 2.65 12.65
N ASP A 166 3.65 1.52 12.50
CA ASP A 166 4.16 0.39 11.73
C ASP A 166 4.16 0.79 10.26
N ASP A 167 3.24 1.69 9.93
CA ASP A 167 3.16 2.21 8.58
C ASP A 167 4.51 2.81 8.17
N LYS A 168 5.10 3.63 9.06
CA LYS A 168 6.36 4.27 8.75
C LYS A 168 7.42 3.21 8.62
N LYS A 169 7.30 2.15 9.43
CA LYS A 169 8.24 1.05 9.35
C LYS A 169 8.29 0.54 7.91
N ARG A 170 7.15 0.01 7.41
CA ARG A 170 6.97 -0.66 6.12
C ARG A 170 7.33 0.23 4.93
N ILE A 171 7.14 1.55 5.08
CA ILE A 171 7.45 2.54 4.05
C ILE A 171 8.96 2.60 3.82
N ILE A 172 9.72 2.68 4.91
CA ILE A 172 11.18 2.76 4.88
C ILE A 172 11.79 1.54 4.19
N ASP A 173 11.26 0.35 4.48
CA ASP A 173 11.70 -0.89 3.86
C ASP A 173 11.65 -0.77 2.35
N SER A 174 10.63 -0.05 1.88
CA SER A 174 10.29 0.05 0.47
C SER A 174 11.20 1.07 -0.22
N ALA A 175 11.47 2.19 0.46
CA ALA A 175 12.31 3.24 -0.11
C ALA A 175 13.73 2.71 -0.23
N ARG A 176 14.17 2.04 0.86
CA ARG A 176 15.45 1.38 0.91
C ARG A 176 15.53 0.37 -0.25
N SER A 177 14.64 -0.63 -0.22
CA SER A 177 14.65 -1.69 -1.20
C SER A 177 14.78 -1.10 -2.61
N ALA A 178 14.13 0.05 -2.81
CA ALA A 178 14.06 0.68 -4.11
C ALA A 178 15.39 1.37 -4.42
N TYR A 179 15.71 2.44 -3.67
CA TYR A 179 16.97 3.16 -3.82
C TYR A 179 18.14 2.21 -4.02
N GLN A 180 18.15 1.11 -3.26
CA GLN A 180 19.19 0.09 -3.29
C GLN A 180 19.25 -0.55 -4.67
N GLU A 181 18.16 -1.23 -5.03
CA GLU A 181 18.09 -1.98 -6.26
C GLU A 181 18.47 -1.10 -7.44
N ALA A 182 18.39 0.23 -7.26
CA ALA A 182 18.79 1.23 -8.24
C ALA A 182 20.29 1.45 -8.13
N MET A 183 20.76 1.69 -6.90
CA MET A 183 22.17 1.83 -6.59
C MET A 183 22.97 0.76 -7.35
N ASP A 184 22.60 -0.50 -7.12
CA ASP A 184 23.20 -1.70 -7.76
C ASP A 184 23.25 -1.50 -9.27
N ILE A 185 22.12 -1.35 -9.90
CA ILE A 185 21.95 -1.24 -11.38
C ILE A 185 22.61 0.02 -11.97
N SER A 186 22.89 1.04 -11.18
CA SER A 186 23.53 2.25 -11.74
C SER A 186 25.05 2.11 -11.74
N LYS A 187 25.62 1.73 -10.60
CA LYS A 187 27.11 1.72 -10.54
C LYS A 187 27.61 0.56 -11.38
N LYS A 188 26.74 -0.38 -11.72
CA LYS A 188 27.13 -1.54 -12.55
C LYS A 188 26.79 -1.24 -14.00
N GLU A 189 26.40 -0.01 -14.33
CA GLU A 189 26.06 0.31 -15.73
C GLU A 189 26.35 1.79 -16.02
N MET A 190 26.76 2.59 -15.04
CA MET A 190 26.94 4.00 -15.34
C MET A 190 28.29 4.49 -14.80
N PRO A 191 28.90 5.55 -15.40
CA PRO A 191 30.11 6.16 -14.85
C PRO A 191 29.79 7.13 -13.72
N PRO A 192 30.71 7.35 -12.76
CA PRO A 192 30.40 8.14 -11.56
C PRO A 192 30.18 9.63 -11.79
N THR A 193 30.05 10.02 -13.07
CA THR A 193 29.90 11.41 -13.46
C THR A 193 28.47 11.66 -13.93
N ASN A 194 27.93 10.60 -14.54
CA ASN A 194 26.58 10.53 -15.05
C ASN A 194 25.66 11.17 -14.02
N PRO A 195 24.97 12.28 -14.35
CA PRO A 195 24.21 13.06 -13.36
C PRO A 195 23.08 12.29 -12.69
N ILE A 196 22.68 11.16 -13.29
CA ILE A 196 21.62 10.30 -12.77
C ILE A 196 22.14 9.57 -11.54
N ARG A 197 23.26 8.85 -11.69
CA ARG A 197 23.85 8.13 -10.57
C ARG A 197 24.16 9.06 -9.42
N LEU A 198 24.71 10.25 -9.72
CA LEU A 198 25.02 11.28 -8.74
C LEU A 198 23.77 11.66 -7.96
N GLY A 199 22.71 12.02 -8.70
CA GLY A 199 21.37 12.26 -8.17
C GLY A 199 20.88 11.12 -7.26
N LEU A 200 20.87 9.88 -7.78
CA LEU A 200 20.40 8.70 -7.05
C LEU A 200 21.21 8.53 -5.78
N ALA A 201 22.52 8.59 -5.93
CA ALA A 201 23.40 8.56 -4.79
C ALA A 201 22.93 9.65 -3.83
N LEU A 202 22.89 10.89 -4.32
CA LEU A 202 22.63 12.03 -3.47
C LEU A 202 21.42 11.75 -2.57
N ASN A 203 20.29 11.31 -3.15
CA ASN A 203 19.04 11.14 -2.43
C ASN A 203 19.13 9.94 -1.49
N PHE A 204 19.63 8.79 -1.99
CA PHE A 204 19.81 7.62 -1.15
C PHE A 204 20.58 7.96 0.13
N SER A 205 21.43 8.99 0.06
CA SER A 205 22.17 9.52 1.20
C SER A 205 21.24 10.32 2.11
N VAL A 206 20.54 11.30 1.54
CA VAL A 206 19.53 12.06 2.27
C VAL A 206 18.59 11.10 2.99
N PHE A 207 18.34 9.94 2.36
CA PHE A 207 17.42 8.99 2.94
C PHE A 207 18.05 8.36 4.17
N HIS A 208 19.32 7.96 4.01
CA HIS A 208 20.11 7.42 5.10
C HIS A 208 20.13 8.41 6.25
N TYR A 209 20.50 9.66 5.99
CA TYR A 209 20.55 10.65 7.05
C TYR A 209 19.15 10.93 7.59
N GLU A 210 18.32 11.59 6.81
CA GLU A 210 17.00 12.09 7.29
C GLU A 210 16.01 11.00 7.67
N ILE A 211 15.91 9.90 6.93
CA ILE A 211 14.79 8.96 7.24
C ILE A 211 15.25 7.72 7.98
N ALA A 212 16.28 7.02 7.51
CA ALA A 212 16.68 5.72 8.11
C ALA A 212 17.55 5.83 9.37
N ASN A 213 17.70 7.02 9.94
CA ASN A 213 18.48 7.23 11.18
C ASN A 213 19.86 6.61 11.02
N SER A 214 20.55 6.92 9.93
CA SER A 214 21.92 6.41 9.72
C SER A 214 22.81 7.55 9.22
N PRO A 215 23.35 8.43 10.08
CA PRO A 215 24.25 9.49 9.63
C PRO A 215 25.57 8.81 9.24
N GLU A 216 25.92 7.78 10.00
CA GLU A 216 27.09 6.91 9.76
C GLU A 216 27.17 6.58 8.28
N GLU A 217 26.15 5.93 7.74
CA GLU A 217 26.14 5.49 6.33
C GLU A 217 25.85 6.67 5.39
N ALA A 218 25.13 7.68 5.87
CA ALA A 218 24.79 8.83 4.99
C ALA A 218 26.05 9.61 4.68
N ILE A 219 26.87 9.84 5.68
CA ILE A 219 28.10 10.58 5.54
C ILE A 219 29.04 9.81 4.61
N SER A 220 29.12 8.49 4.80
CA SER A 220 30.10 7.67 4.11
C SER A 220 29.74 7.49 2.64
N LEU A 221 28.45 7.66 2.30
CA LEU A 221 28.01 7.41 0.93
C LEU A 221 28.07 8.70 0.12
N ALA A 222 27.81 9.84 0.79
CA ALA A 222 27.98 11.18 0.24
C ALA A 222 29.44 11.40 -0.15
N LYS A 223 30.35 10.80 0.64
CA LYS A 223 31.81 10.92 0.51
C LYS A 223 32.35 9.97 -0.57
N THR A 224 32.16 8.64 -0.43
CA THR A 224 32.49 7.69 -1.49
C THR A 224 32.03 8.20 -2.86
N THR A 225 30.85 8.82 -2.89
CA THR A 225 30.24 9.36 -4.09
C THR A 225 31.03 10.56 -4.61
N PHE A 226 31.22 11.58 -3.76
CA PHE A 226 31.82 12.84 -4.17
C PHE A 226 33.27 12.62 -4.58
N ASP A 227 33.86 11.53 -4.09
CA ASP A 227 35.27 11.25 -4.31
C ASP A 227 35.46 10.54 -5.65
N GLU A 228 34.84 9.36 -5.83
CA GLU A 228 35.04 8.57 -7.04
C GLU A 228 34.67 9.39 -8.28
N ALA A 229 33.97 10.51 -8.02
CA ALA A 229 33.38 11.41 -9.00
C ALA A 229 34.34 12.55 -9.34
N MET A 230 34.85 13.24 -8.32
CA MET A 230 35.84 14.30 -8.43
C MET A 230 37.05 13.78 -9.22
N ALA A 231 37.25 12.47 -9.15
CA ALA A 231 38.38 11.76 -9.79
C ALA A 231 38.24 11.71 -11.29
N ASP A 232 37.16 11.13 -11.79
CA ASP A 232 36.98 10.95 -13.25
C ASP A 232 36.42 12.22 -13.87
N LEU A 233 36.80 13.40 -13.38
CA LEU A 233 36.28 14.68 -13.96
C LEU A 233 37.16 15.11 -15.15
N HIS A 234 37.20 14.29 -16.21
CA HIS A 234 38.01 14.50 -17.43
C HIS A 234 37.23 13.94 -18.61
N LYS A 242 28.74 16.58 -20.64
CA LYS A 242 27.71 16.93 -19.61
C LYS A 242 28.35 17.77 -18.50
N ASP A 243 27.50 18.28 -17.59
CA ASP A 243 28.01 19.03 -16.45
C ASP A 243 27.17 18.82 -15.19
N SER A 244 27.56 17.73 -14.51
CA SER A 244 27.03 17.27 -13.25
C SER A 244 27.92 17.74 -12.12
N THR A 245 28.68 18.82 -12.37
CA THR A 245 29.46 19.43 -11.30
C THR A 245 28.52 20.09 -10.30
N LEU A 246 27.25 20.27 -10.73
CA LEU A 246 26.23 20.96 -9.96
C LEU A 246 25.69 20.04 -8.86
N ILE A 247 25.68 18.72 -9.17
CA ILE A 247 25.23 17.65 -8.30
C ILE A 247 26.26 17.38 -7.22
N MET A 248 27.54 17.57 -7.57
CA MET A 248 28.61 17.32 -6.62
C MET A 248 28.67 18.48 -5.63
N GLN A 249 28.33 19.68 -6.13
CA GLN A 249 28.20 20.86 -5.28
C GLN A 249 27.10 20.66 -4.24
N LEU A 250 26.05 19.90 -4.59
CA LEU A 250 25.04 19.57 -3.60
C LEU A 250 25.61 18.55 -2.61
N LEU A 251 26.18 17.44 -3.12
CA LEU A 251 26.79 16.40 -2.31
C LEU A 251 27.72 16.98 -1.25
N ARG A 252 28.54 17.99 -1.61
CA ARG A 252 29.50 18.61 -0.69
C ARG A 252 28.77 19.51 0.32
N ASP A 253 27.82 20.31 -0.18
CA ASP A 253 26.98 21.21 0.62
C ASP A 253 26.37 20.47 1.80
N ASN A 254 25.90 19.24 1.52
CA ASN A 254 25.27 18.35 2.47
C ASN A 254 26.28 17.89 3.50
N LEU A 255 27.41 17.35 3.01
CA LEU A 255 28.42 16.72 3.85
C LEU A 255 28.99 17.72 4.85
N THR A 256 28.93 19.01 4.49
CA THR A 256 29.29 20.13 5.34
C THR A 256 28.42 20.16 6.59
N LEU A 257 27.09 20.16 6.40
CA LEU A 257 26.11 20.18 7.47
C LEU A 257 26.18 18.90 8.31
N TRP A 258 26.57 17.76 7.71
CA TRP A 258 26.53 16.50 8.44
C TRP A 258 27.71 16.31 9.39
N THR A 259 28.78 17.10 9.21
CA THR A 259 29.97 17.08 10.06
C THR A 259 30.44 18.50 10.39
N GLY B 24 6.43 -0.56 21.29
CA GLY B 24 5.41 -1.64 21.05
C GLY B 24 4.66 -1.98 22.34
N ALA B 25 3.42 -1.49 22.48
CA ALA B 25 2.69 -1.48 23.74
C ALA B 25 2.58 -2.88 24.34
N MET B 26 2.66 -3.90 23.48
CA MET B 26 2.57 -5.29 23.90
C MET B 26 3.94 -5.90 24.14
N GLY B 27 4.95 -5.20 23.60
CA GLY B 27 6.29 -5.74 23.40
C GLY B 27 6.94 -6.28 24.68
N SER B 28 6.59 -5.72 25.83
CA SER B 28 7.30 -6.09 27.05
C SER B 28 6.55 -7.18 27.80
N MET B 29 5.53 -7.77 27.17
CA MET B 29 4.78 -8.84 27.81
C MET B 29 5.17 -10.18 27.18
N GLU B 30 5.15 -11.22 27.99
CA GLU B 30 5.57 -12.51 27.49
C GLU B 30 4.44 -13.05 26.63
N ARG B 31 4.83 -13.82 25.61
CA ARG B 31 3.89 -14.36 24.64
C ARG B 31 2.75 -15.10 25.34
N ALA B 32 3.07 -16.19 26.04
CA ALA B 32 2.01 -16.94 26.69
C ALA B 32 1.00 -15.98 27.33
N SER B 33 1.48 -14.91 27.97
CA SER B 33 0.63 -14.03 28.75
C SER B 33 -0.34 -13.30 27.83
N LEU B 34 0.20 -12.77 26.73
CA LEU B 34 -0.60 -12.10 25.72
C LEU B 34 -1.77 -12.99 25.29
N ILE B 35 -1.53 -14.31 25.20
CA ILE B 35 -2.56 -15.22 24.73
C ILE B 35 -3.61 -15.46 25.79
N GLN B 36 -3.22 -15.66 27.04
CA GLN B 36 -4.28 -15.81 28.02
C GLN B 36 -5.13 -14.54 27.99
N LYS B 37 -4.44 -13.41 27.79
CA LYS B 37 -5.09 -12.12 27.83
C LYS B 37 -6.06 -11.98 26.67
N ALA B 38 -5.65 -12.42 25.49
CA ALA B 38 -6.58 -12.50 24.35
C ALA B 38 -7.84 -13.26 24.77
N LYS B 39 -7.67 -14.54 25.11
CA LYS B 39 -8.77 -15.38 25.52
C LYS B 39 -9.65 -14.66 26.54
N LEU B 40 -9.04 -13.89 27.44
CA LEU B 40 -9.82 -13.17 28.43
C LEU B 40 -10.68 -12.13 27.72
N ALA B 41 -10.06 -11.45 26.76
CA ALA B 41 -10.76 -10.40 26.04
C ALA B 41 -11.98 -11.02 25.36
N GLU B 42 -11.75 -12.09 24.58
CA GLU B 42 -12.85 -12.85 24.00
C GLU B 42 -13.94 -13.04 25.07
N GLN B 43 -13.64 -13.71 26.18
CA GLN B 43 -14.63 -13.88 27.22
C GLN B 43 -15.26 -12.55 27.66
N ALA B 44 -14.57 -11.43 27.48
CA ALA B 44 -15.17 -10.23 28.03
C ALA B 44 -15.89 -9.43 26.94
N GLU B 45 -15.85 -9.98 25.71
CA GLU B 45 -16.28 -9.36 24.46
C GLU B 45 -15.58 -8.03 24.17
N ARG B 46 -14.24 -8.02 24.30
CA ARG B 46 -13.45 -6.81 24.19
C ARG B 46 -12.51 -7.00 23.01
N TYR B 47 -13.06 -6.92 21.80
CA TYR B 47 -12.37 -7.40 20.61
C TYR B 47 -11.23 -6.48 20.20
N GLU B 48 -11.35 -5.16 20.46
CA GLU B 48 -10.28 -4.20 20.22
C GLU B 48 -9.03 -4.72 20.94
N ASP B 49 -9.20 -5.03 22.22
CA ASP B 49 -8.11 -5.56 23.01
C ASP B 49 -7.75 -6.96 22.50
N MET B 50 -8.71 -7.87 22.38
CA MET B 50 -8.34 -9.21 21.93
C MET B 50 -7.37 -9.05 20.74
N ALA B 51 -7.76 -8.19 19.81
CA ALA B 51 -6.98 -8.02 18.60
C ALA B 51 -5.59 -7.47 18.90
N ALA B 52 -5.54 -6.42 19.76
CA ALA B 52 -4.31 -5.73 20.11
C ALA B 52 -3.33 -6.68 20.81
N PHE B 53 -3.88 -7.56 21.66
CA PHE B 53 -3.13 -8.60 22.33
C PHE B 53 -2.50 -9.55 21.30
N MET B 54 -3.33 -10.04 20.39
CA MET B 54 -2.85 -11.00 19.41
C MET B 54 -1.78 -10.41 18.50
N LYS B 55 -1.95 -9.14 18.11
CA LYS B 55 -0.98 -8.39 17.34
C LYS B 55 0.37 -8.47 18.05
N GLY B 56 0.32 -8.40 19.40
CA GLY B 56 1.46 -8.75 20.25
C GLY B 56 2.00 -10.14 19.92
N ALA B 57 1.27 -11.18 20.34
CA ALA B 57 1.66 -12.56 20.07
C ALA B 57 2.36 -12.72 18.72
N VAL B 58 1.77 -12.13 17.67
CA VAL B 58 2.25 -12.40 16.33
C VAL B 58 3.60 -11.71 16.12
N GLU B 59 3.80 -10.59 16.82
CA GLU B 59 5.02 -9.80 16.66
C GLU B 59 6.11 -10.33 17.57
N LYS B 60 5.93 -11.54 18.11
CA LYS B 60 7.04 -12.20 18.80
C LYS B 60 7.91 -12.92 17.77
N GLY B 61 7.38 -13.07 16.55
CA GLY B 61 8.06 -13.60 15.38
C GLY B 61 8.00 -15.12 15.29
N GLU B 62 7.09 -15.72 16.04
CA GLU B 62 7.05 -17.16 16.17
C GLU B 62 5.73 -17.63 15.63
N GLU B 63 5.76 -18.76 14.90
CA GLU B 63 4.61 -19.38 14.26
C GLU B 63 3.38 -19.38 15.18
N LEU B 64 2.21 -19.18 14.58
CA LEU B 64 0.96 -19.19 15.33
C LEU B 64 0.34 -20.59 15.17
N SER B 65 -0.05 -21.21 16.29
CA SER B 65 -0.69 -22.53 16.23
C SER B 65 -2.10 -22.39 15.67
N CYS B 66 -2.69 -23.51 15.24
CA CYS B 66 -4.10 -23.48 14.86
C CYS B 66 -4.93 -22.72 15.91
N GLU B 67 -4.99 -23.18 17.16
CA GLU B 67 -5.93 -22.54 18.07
C GLU B 67 -5.66 -21.04 18.08
N GLU B 68 -4.38 -20.67 17.89
CA GLU B 68 -3.91 -19.30 17.95
C GLU B 68 -4.42 -18.48 16.76
N ARG B 69 -4.14 -19.00 15.56
CA ARG B 69 -4.59 -18.41 14.28
C ARG B 69 -6.09 -18.17 14.39
N ASN B 70 -6.80 -18.95 15.18
CA ASN B 70 -8.22 -18.74 15.23
C ASN B 70 -8.59 -17.52 16.06
N LEU B 71 -7.86 -17.25 17.13
CA LEU B 71 -8.17 -16.03 17.85
C LEU B 71 -7.80 -14.82 17.00
N LEU B 72 -6.70 -14.90 16.25
CA LEU B 72 -6.28 -13.78 15.43
C LEU B 72 -7.40 -13.38 14.46
N SER B 73 -7.94 -14.33 13.69
CA SER B 73 -9.02 -14.01 12.77
C SER B 73 -10.33 -13.67 13.49
N VAL B 74 -10.66 -14.38 14.58
CA VAL B 74 -11.88 -14.08 15.32
C VAL B 74 -11.83 -12.64 15.85
N ALA B 75 -10.65 -12.23 16.32
CA ALA B 75 -10.52 -10.91 16.91
C ALA B 75 -10.68 -9.86 15.83
N TYR B 76 -9.86 -9.97 14.79
CA TYR B 76 -9.88 -8.96 13.70
C TYR B 76 -11.23 -8.93 13.01
N LYS B 77 -11.74 -10.09 12.60
CA LYS B 77 -13.10 -10.18 12.06
C LYS B 77 -14.05 -9.37 12.96
N ASN B 78 -13.96 -9.55 14.26
CA ASN B 78 -15.00 -8.96 15.07
C ASN B 78 -14.99 -7.44 15.09
N VAL B 79 -13.77 -6.87 15.08
CA VAL B 79 -13.54 -5.43 15.10
C VAL B 79 -14.01 -4.85 13.76
N VAL B 80 -13.36 -5.31 12.69
CA VAL B 80 -13.57 -4.89 11.31
C VAL B 80 -15.01 -5.22 10.95
N GLY B 81 -15.57 -6.22 11.64
CA GLY B 81 -17.00 -6.48 11.65
C GLY B 81 -17.82 -5.21 11.82
N GLY B 82 -17.85 -4.66 13.03
CA GLY B 82 -18.71 -3.53 13.32
C GLY B 82 -18.37 -2.30 12.47
N GLN B 83 -17.09 -2.19 12.08
CA GLN B 83 -16.67 -1.06 11.27
C GLN B 83 -17.34 -1.15 9.91
N ARG B 84 -17.43 -2.37 9.39
CA ARG B 84 -18.11 -2.63 8.09
C ARG B 84 -19.63 -2.46 8.25
N ALA B 85 -20.16 -2.74 9.44
CA ALA B 85 -21.59 -2.60 9.68
C ALA B 85 -22.00 -1.14 9.72
N ALA B 86 -21.16 -0.29 10.34
CA ALA B 86 -21.50 1.10 10.56
C ALA B 86 -21.42 1.85 9.23
N TRP B 87 -20.39 1.54 8.44
CA TRP B 87 -20.15 2.22 7.18
C TRP B 87 -21.32 1.94 6.26
N ARG B 88 -21.91 0.76 6.44
CA ARG B 88 -23.01 0.32 5.60
C ARG B 88 -24.24 1.11 6.02
N VAL B 89 -24.54 1.06 7.32
CA VAL B 89 -25.54 1.91 7.92
C VAL B 89 -25.33 3.34 7.40
N LEU B 90 -24.08 3.84 7.44
CA LEU B 90 -23.89 5.25 7.16
C LEU B 90 -23.97 5.57 5.67
N SER B 91 -23.52 4.67 4.78
CA SER B 91 -23.72 4.87 3.35
C SER B 91 -25.21 4.94 3.02
N SER B 92 -25.97 3.98 3.55
CA SER B 92 -27.41 3.92 3.44
C SER B 92 -28.04 5.29 3.69
N ILE B 93 -27.67 5.94 4.82
CA ILE B 93 -28.19 7.26 5.18
C ILE B 93 -27.71 8.29 4.17
N GLU B 94 -26.49 8.13 3.66
CA GLU B 94 -25.89 9.10 2.75
C GLU B 94 -26.74 9.18 1.48
N GLN B 95 -27.21 8.03 0.98
CA GLN B 95 -28.02 7.95 -0.23
C GLN B 95 -29.39 8.58 -0.03
N LYS B 96 -30.24 7.98 0.79
CA LYS B 96 -31.56 8.54 1.07
C LYS B 96 -31.49 10.06 1.32
N SER B 97 -30.37 10.57 1.86
CA SER B 97 -30.26 11.99 2.20
C SER B 97 -29.48 12.77 1.14
N ASN B 98 -29.46 12.22 -0.09
CA ASN B 98 -29.21 12.92 -1.34
C ASN B 98 -29.72 12.09 -2.54
N GLU B 99 -31.03 11.77 -2.54
CA GLU B 99 -31.75 11.16 -3.66
C GLU B 99 -33.00 12.00 -3.97
N LYS B 105 -29.82 17.52 3.26
CA LYS B 105 -28.36 17.71 3.05
C LYS B 105 -27.74 18.14 4.37
N GLY B 106 -26.71 19.01 4.29
CA GLY B 106 -25.66 19.11 5.29
C GLY B 106 -24.58 18.05 5.04
N PRO B 107 -23.28 18.37 5.26
CA PRO B 107 -22.19 17.43 4.99
C PRO B 107 -21.87 16.45 6.14
N GLU B 108 -22.69 16.46 7.18
CA GLU B 108 -22.35 15.81 8.43
C GLU B 108 -22.21 14.33 8.22
N VAL B 109 -23.17 13.76 7.49
CA VAL B 109 -23.19 12.34 7.23
C VAL B 109 -22.06 11.95 6.28
N ARG B 110 -21.69 12.80 5.32
CA ARG B 110 -20.55 12.44 4.49
C ARG B 110 -19.27 12.42 5.34
N GLU B 111 -19.08 13.48 6.13
CA GLU B 111 -17.93 13.65 6.98
C GLU B 111 -17.69 12.39 7.81
N TYR B 112 -18.74 11.99 8.53
CA TYR B 112 -18.65 10.98 9.56
C TYR B 112 -18.52 9.61 8.91
N ARG B 113 -19.13 9.44 7.73
CA ARG B 113 -18.90 8.24 6.94
C ARG B 113 -17.40 8.10 6.66
N GLU B 114 -16.83 9.21 6.18
CA GLU B 114 -15.39 9.34 6.01
C GLU B 114 -14.66 9.06 7.34
N LYS B 115 -15.23 9.52 8.48
CA LYS B 115 -14.49 9.18 9.68
C LYS B 115 -14.32 7.68 9.76
N VAL B 116 -15.40 6.94 9.47
CA VAL B 116 -15.51 5.55 9.87
C VAL B 116 -14.73 4.71 8.88
N GLU B 117 -14.91 5.09 7.61
CA GLU B 117 -14.17 4.58 6.46
C GLU B 117 -12.68 4.65 6.79
N THR B 118 -12.31 5.71 7.50
CA THR B 118 -10.91 5.88 7.79
C THR B 118 -10.44 4.83 8.79
N GLU B 119 -11.18 4.62 9.90
CA GLU B 119 -10.81 3.64 10.91
C GLU B 119 -10.58 2.27 10.26
N LEU B 120 -11.63 1.84 9.55
CA LEU B 120 -11.78 0.64 8.76
C LEU B 120 -10.50 0.37 7.99
N GLN B 121 -10.23 1.22 7.01
CA GLN B 121 -9.00 1.21 6.24
C GLN B 121 -7.77 1.07 7.15
N GLY B 122 -7.79 1.76 8.30
CA GLY B 122 -6.82 1.59 9.35
C GLY B 122 -6.62 0.12 9.72
N VAL B 123 -7.70 -0.51 10.18
CA VAL B 123 -7.55 -1.83 10.74
C VAL B 123 -7.20 -2.82 9.64
N CYS B 124 -7.77 -2.64 8.46
CA CYS B 124 -7.40 -3.58 7.41
C CYS B 124 -5.90 -3.51 7.21
N ASP B 125 -5.41 -2.29 6.91
CA ASP B 125 -3.99 -1.99 6.70
C ASP B 125 -3.14 -2.58 7.81
N THR B 126 -3.67 -2.60 9.05
CA THR B 126 -2.98 -3.22 10.17
C THR B 126 -2.83 -4.72 9.94
N VAL B 127 -3.95 -5.42 9.73
CA VAL B 127 -3.99 -6.87 9.57
C VAL B 127 -3.16 -7.24 8.35
N LEU B 128 -3.37 -6.46 7.28
CA LEU B 128 -2.73 -6.73 6.00
C LEU B 128 -1.22 -6.68 6.13
N GLY B 129 -0.74 -5.78 7.00
CA GLY B 129 0.66 -5.68 7.41
C GLY B 129 1.11 -6.80 8.36
N LEU B 130 0.27 -7.19 9.31
CA LEU B 130 0.60 -8.38 10.07
C LEU B 130 0.81 -9.55 9.12
N LEU B 131 -0.11 -9.73 8.15
CA LEU B 131 0.01 -10.88 7.27
C LEU B 131 1.31 -10.79 6.50
N ASP B 132 1.48 -9.65 5.82
CA ASP B 132 2.59 -9.49 4.88
C ASP B 132 3.93 -9.58 5.60
N SER B 133 4.03 -8.95 6.76
CA SER B 133 5.32 -8.80 7.42
C SER B 133 5.66 -10.00 8.31
N HIS B 134 4.69 -10.86 8.65
CA HIS B 134 4.95 -11.79 9.76
C HIS B 134 4.30 -13.16 9.59
N LEU B 135 3.34 -13.34 8.69
CA LEU B 135 2.61 -14.58 8.82
C LEU B 135 2.85 -15.57 7.66
N ILE B 136 3.50 -15.15 6.57
CA ILE B 136 3.35 -15.93 5.37
C ILE B 136 4.45 -17.02 5.19
N ALA B 139 8.12 -21.46 3.94
CA ALA B 139 6.71 -21.18 3.59
C ALA B 139 5.77 -22.10 4.35
N GLY B 140 5.84 -22.05 5.70
CA GLY B 140 4.91 -22.66 6.65
C GLY B 140 4.56 -24.10 6.28
N ASP B 141 3.36 -24.55 6.71
CA ASP B 141 2.73 -25.75 6.19
C ASP B 141 1.61 -25.33 5.25
N ALA B 142 1.07 -26.27 4.46
CA ALA B 142 0.10 -25.96 3.42
C ALA B 142 -1.24 -25.50 4.01
N GLU B 143 -1.69 -26.23 5.03
CA GLU B 143 -2.96 -25.97 5.68
C GLU B 143 -3.03 -24.51 6.09
N SER B 144 -2.01 -24.06 6.83
CA SER B 144 -1.96 -22.69 7.33
C SER B 144 -1.63 -21.68 6.24
N ARG B 145 -0.61 -21.96 5.41
CA ARG B 145 -0.22 -21.06 4.32
C ARG B 145 -1.46 -20.62 3.54
N VAL B 146 -2.54 -21.41 3.60
CA VAL B 146 -3.77 -20.99 2.95
C VAL B 146 -4.54 -20.06 3.87
N PHE B 147 -4.81 -20.53 5.11
CA PHE B 147 -5.64 -19.72 5.99
C PHE B 147 -5.25 -18.25 5.87
N TYR B 148 -3.93 -18.02 5.71
CA TYR B 148 -3.34 -16.69 5.63
C TYR B 148 -3.64 -16.03 4.29
N LEU B 149 -3.33 -16.72 3.17
CA LEU B 149 -3.66 -16.11 1.90
C LEU B 149 -5.17 -15.87 1.80
N LYS B 150 -6.00 -16.74 2.41
CA LYS B 150 -7.43 -16.48 2.51
C LYS B 150 -7.69 -15.15 3.23
N MET B 151 -7.02 -14.92 4.37
CA MET B 151 -7.16 -13.68 5.13
C MET B 151 -6.73 -12.50 4.26
N LYS B 152 -5.60 -12.65 3.56
CA LYS B 152 -5.01 -11.55 2.81
C LYS B 152 -6.07 -11.06 1.85
N GLY B 153 -6.66 -12.02 1.11
CA GLY B 153 -7.78 -11.81 0.21
C GLY B 153 -8.96 -11.12 0.89
N ASP B 154 -9.45 -11.68 2.00
CA ASP B 154 -10.62 -11.08 2.69
C ASP B 154 -10.35 -9.63 3.06
N TYR B 155 -9.22 -9.35 3.70
CA TYR B 155 -8.99 -7.96 4.11
C TYR B 155 -8.74 -7.05 2.90
N TYR B 156 -8.21 -7.58 1.82
CA TYR B 156 -8.00 -6.75 0.62
C TYR B 156 -9.35 -6.41 -0.02
N ARG B 157 -10.35 -7.27 0.13
CA ARG B 157 -11.73 -7.04 -0.39
C ARG B 157 -12.44 -5.99 0.46
N TYR B 158 -12.63 -6.20 1.78
CA TYR B 158 -13.18 -5.20 2.68
C TYR B 158 -12.66 -3.80 2.36
N LEU B 159 -11.38 -3.74 1.98
CA LEU B 159 -10.76 -2.50 1.55
C LEU B 159 -11.41 -1.99 0.26
N ALA B 160 -11.38 -2.87 -0.74
CA ALA B 160 -12.02 -2.60 -2.01
C ALA B 160 -13.52 -2.33 -1.83
N GLU B 161 -14.10 -2.69 -0.68
CA GLU B 161 -15.53 -2.48 -0.48
C GLU B 161 -15.82 -1.00 -0.30
N VAL B 162 -14.82 -0.10 -0.32
CA VAL B 162 -14.98 1.30 0.06
C VAL B 162 -14.08 2.21 -0.76
N ALA B 163 -13.00 1.60 -1.34
CA ALA B 163 -12.05 2.36 -2.16
C ALA B 163 -12.72 2.88 -3.44
N THR B 164 -12.05 3.82 -4.11
CA THR B 164 -12.55 4.29 -5.40
C THR B 164 -11.38 4.52 -6.34
N GLY B 165 -11.72 4.87 -7.58
CA GLY B 165 -10.77 5.20 -8.64
C GLY B 165 -9.68 4.15 -8.85
N ASP B 166 -8.48 4.69 -9.13
CA ASP B 166 -7.24 4.00 -9.42
C ASP B 166 -6.82 3.17 -8.22
N ASP B 167 -7.18 3.66 -7.04
CA ASP B 167 -6.95 2.96 -5.78
C ASP B 167 -7.65 1.60 -5.83
N LYS B 168 -8.98 1.63 -6.04
CA LYS B 168 -9.79 0.42 -5.97
C LYS B 168 -9.24 -0.64 -6.93
N LYS B 169 -8.89 -0.18 -8.13
CA LYS B 169 -8.36 -0.99 -9.23
C LYS B 169 -7.22 -1.86 -8.69
N ARG B 170 -6.24 -1.20 -8.05
CA ARG B 170 -5.01 -1.83 -7.59
C ARG B 170 -5.31 -2.72 -6.38
N ILE B 171 -6.39 -2.39 -5.65
CA ILE B 171 -6.75 -3.18 -4.50
C ILE B 171 -7.39 -4.46 -4.97
N ILE B 172 -8.36 -4.34 -5.89
CA ILE B 172 -9.06 -5.48 -6.49
C ILE B 172 -8.02 -6.48 -7.04
N ASP B 173 -7.03 -5.92 -7.74
CA ASP B 173 -6.04 -6.72 -8.41
C ASP B 173 -5.28 -7.56 -7.39
N SER B 174 -5.17 -7.03 -6.17
CA SER B 174 -4.40 -7.66 -5.13
C SER B 174 -5.19 -8.80 -4.47
N ALA B 175 -6.50 -8.62 -4.24
CA ALA B 175 -7.24 -9.68 -3.58
C ALA B 175 -7.27 -10.89 -4.51
N ARG B 176 -7.45 -10.61 -5.81
CA ARG B 176 -7.50 -11.64 -6.82
C ARG B 176 -6.26 -12.53 -6.68
N SER B 177 -5.12 -11.86 -6.52
CA SER B 177 -3.83 -12.52 -6.59
C SER B 177 -3.66 -13.41 -5.37
N ALA B 178 -4.18 -12.97 -4.23
CA ALA B 178 -4.02 -13.77 -3.02
C ALA B 178 -5.03 -14.90 -3.00
N TYR B 179 -6.33 -14.59 -3.07
CA TYR B 179 -7.34 -15.63 -3.16
C TYR B 179 -6.89 -16.72 -4.14
N GLN B 180 -6.19 -16.32 -5.21
CA GLN B 180 -5.79 -17.24 -6.27
C GLN B 180 -4.74 -18.23 -5.75
N GLU B 181 -3.55 -17.72 -5.41
CA GLU B 181 -2.47 -18.49 -4.83
C GLU B 181 -3.00 -19.42 -3.73
N ALA B 182 -4.03 -18.95 -2.99
CA ALA B 182 -4.76 -19.69 -1.98
C ALA B 182 -5.51 -20.87 -2.59
N MET B 183 -6.30 -20.61 -3.64
CA MET B 183 -7.02 -21.62 -4.42
C MET B 183 -6.06 -22.73 -4.85
N ASP B 184 -4.99 -22.34 -5.55
CA ASP B 184 -3.98 -23.26 -6.08
C ASP B 184 -3.43 -24.19 -5.00
N ILE B 185 -3.11 -23.63 -3.83
CA ILE B 185 -2.53 -24.42 -2.75
C ILE B 185 -3.64 -25.26 -2.09
N SER B 186 -4.87 -24.73 -2.02
CA SER B 186 -5.96 -25.51 -1.45
C SER B 186 -6.36 -26.66 -2.38
N LYS B 187 -6.21 -26.45 -3.70
CA LYS B 187 -6.57 -27.44 -4.71
C LYS B 187 -5.51 -28.53 -4.78
N LYS B 188 -4.22 -28.16 -4.82
CA LYS B 188 -3.16 -29.13 -5.03
C LYS B 188 -2.97 -30.04 -3.81
N GLU B 189 -3.38 -29.62 -2.60
CA GLU B 189 -3.17 -30.49 -1.44
C GLU B 189 -4.16 -30.28 -0.28
N MET B 190 -5.45 -30.35 -0.56
CA MET B 190 -6.45 -30.49 0.48
C MET B 190 -7.67 -31.22 -0.08
N PRO B 191 -8.44 -31.93 0.78
CA PRO B 191 -9.67 -32.58 0.36
C PRO B 191 -10.81 -31.60 0.07
N PRO B 192 -11.62 -31.84 -0.99
CA PRO B 192 -12.69 -30.90 -1.40
C PRO B 192 -13.71 -30.49 -0.34
N THR B 193 -13.71 -31.18 0.82
CA THR B 193 -14.65 -30.93 1.91
C THR B 193 -13.98 -30.41 3.17
N ASN B 194 -12.71 -29.99 3.02
CA ASN B 194 -11.91 -29.37 4.06
C ASN B 194 -12.40 -27.93 4.31
N PRO B 195 -12.99 -27.60 5.48
CA PRO B 195 -13.59 -26.28 5.71
C PRO B 195 -12.76 -25.04 5.37
N ILE B 196 -11.44 -25.18 5.25
CA ILE B 196 -10.61 -24.05 4.85
C ILE B 196 -10.66 -23.88 3.32
N ARG B 197 -10.38 -24.95 2.57
CA ARG B 197 -10.44 -24.91 1.11
C ARG B 197 -11.83 -24.46 0.64
N LEU B 198 -12.87 -24.86 1.40
CA LEU B 198 -14.26 -24.49 1.16
C LEU B 198 -14.47 -22.99 1.34
N GLY B 199 -14.41 -22.52 2.60
CA GLY B 199 -14.57 -21.12 2.98
C GLY B 199 -13.68 -20.17 2.15
N LEU B 200 -12.45 -20.62 1.81
CA LEU B 200 -11.62 -19.94 0.81
C LEU B 200 -12.45 -19.76 -0.45
N ALA B 201 -12.86 -20.89 -1.06
CA ALA B 201 -13.68 -20.84 -2.26
C ALA B 201 -14.94 -19.99 -2.03
N LEU B 202 -15.68 -20.25 -0.93
CA LEU B 202 -16.80 -19.37 -0.62
C LEU B 202 -16.39 -17.91 -0.89
N ASN B 203 -15.45 -17.40 -0.09
CA ASN B 203 -15.06 -15.97 -0.18
C ASN B 203 -14.59 -15.58 -1.58
N PHE B 204 -13.77 -16.41 -2.22
CA PHE B 204 -13.31 -16.10 -3.56
C PHE B 204 -14.49 -15.87 -4.46
N SER B 205 -15.57 -16.62 -4.22
CA SER B 205 -16.74 -16.51 -5.08
C SER B 205 -17.40 -15.14 -4.87
N VAL B 206 -17.52 -14.73 -3.60
CA VAL B 206 -18.23 -13.53 -3.19
C VAL B 206 -17.50 -12.31 -3.75
N PHE B 207 -16.16 -12.39 -3.78
CA PHE B 207 -15.34 -11.38 -4.43
C PHE B 207 -15.66 -11.31 -5.91
N HIS B 208 -15.55 -12.45 -6.60
CA HIS B 208 -15.95 -12.61 -8.00
C HIS B 208 -17.29 -11.92 -8.28
N TYR B 209 -18.25 -12.03 -7.35
CA TYR B 209 -19.57 -11.48 -7.62
C TYR B 209 -19.61 -9.99 -7.30
N GLU B 210 -19.31 -9.65 -6.04
CA GLU B 210 -19.61 -8.34 -5.50
C GLU B 210 -18.53 -7.32 -5.85
N ILE B 211 -17.33 -7.79 -6.17
CA ILE B 211 -16.21 -6.87 -6.27
C ILE B 211 -15.73 -6.81 -7.72
N ALA B 212 -15.30 -7.97 -8.25
CA ALA B 212 -14.75 -8.06 -9.59
C ALA B 212 -15.86 -7.99 -10.63
N ASN B 213 -17.08 -7.72 -10.15
CA ASN B 213 -18.26 -7.47 -10.97
C ASN B 213 -18.26 -8.37 -12.20
N SER B 214 -17.99 -9.67 -11.98
CA SER B 214 -18.10 -10.72 -12.98
C SER B 214 -18.99 -11.87 -12.45
N PRO B 215 -20.34 -11.78 -12.56
CA PRO B 215 -21.21 -12.64 -11.77
C PRO B 215 -21.13 -14.02 -12.40
N GLU B 216 -20.77 -14.04 -13.68
CA GLU B 216 -20.53 -15.27 -14.42
C GLU B 216 -19.62 -16.20 -13.61
N GLU B 217 -18.38 -15.73 -13.39
CA GLU B 217 -17.31 -16.52 -12.78
C GLU B 217 -17.63 -16.85 -11.32
N ALA B 218 -18.41 -15.98 -10.67
CA ALA B 218 -18.85 -16.20 -9.30
C ALA B 218 -19.70 -17.47 -9.24
N ILE B 219 -20.59 -17.62 -10.22
CA ILE B 219 -21.63 -18.64 -10.14
C ILE B 219 -21.06 -20.02 -10.48
N SER B 220 -20.15 -20.11 -11.45
CA SER B 220 -19.55 -21.38 -11.80
C SER B 220 -18.27 -21.63 -11.01
N LEU B 221 -18.20 -21.06 -9.81
CA LEU B 221 -17.23 -21.51 -8.83
C LEU B 221 -17.99 -21.96 -7.59
N ALA B 222 -19.10 -21.27 -7.29
CA ALA B 222 -20.05 -21.76 -6.30
C ALA B 222 -20.56 -23.13 -6.72
N LYS B 223 -21.03 -23.26 -7.98
CA LYS B 223 -21.53 -24.52 -8.51
C LYS B 223 -20.48 -25.61 -8.30
N THR B 224 -19.27 -25.44 -8.86
CA THR B 224 -18.21 -26.47 -8.87
C THR B 224 -17.87 -27.01 -7.48
N THR B 225 -17.99 -26.16 -6.44
CA THR B 225 -17.55 -26.54 -5.10
C THR B 225 -18.70 -27.07 -4.23
N PHE B 226 -19.92 -26.51 -4.36
CA PHE B 226 -21.10 -27.14 -3.75
C PHE B 226 -21.28 -28.52 -4.37
N ASP B 227 -20.44 -28.82 -5.36
CA ASP B 227 -20.52 -30.05 -6.15
C ASP B 227 -19.42 -30.99 -5.71
N GLU B 228 -18.15 -30.65 -5.98
CA GLU B 228 -17.05 -31.56 -5.69
C GLU B 228 -17.08 -31.92 -4.21
N ALA B 229 -17.77 -31.08 -3.43
CA ALA B 229 -18.00 -31.29 -2.02
C ALA B 229 -19.10 -32.32 -1.81
N MET B 230 -20.18 -32.21 -2.62
CA MET B 230 -21.38 -33.03 -2.46
C MET B 230 -21.11 -34.50 -2.81
N ALA B 231 -19.85 -34.82 -3.14
CA ALA B 231 -19.42 -36.19 -3.39
C ALA B 231 -19.13 -36.91 -2.06
N ASP B 232 -19.43 -36.24 -0.93
CA ASP B 232 -19.14 -36.71 0.43
C ASP B 232 -19.99 -36.01 1.49
N LEU B 233 -21.24 -36.42 1.73
CA LEU B 233 -21.95 -35.92 2.90
C LEU B 233 -21.96 -36.97 4.00
N HIS B 234 -20.82 -37.68 4.13
CA HIS B 234 -20.72 -38.90 4.95
C HIS B 234 -19.47 -38.93 5.82
N THR B 235 -18.29 -38.53 5.28
CA THR B 235 -17.00 -38.55 5.97
C THR B 235 -16.94 -37.44 7.04
N LYS B 242 -20.01 -32.55 10.21
CA LYS B 242 -21.15 -31.67 10.60
C LYS B 242 -20.76 -30.21 10.30
N ASP B 243 -19.47 -30.02 9.99
CA ASP B 243 -18.88 -28.69 10.02
C ASP B 243 -18.88 -28.09 8.61
N SER B 244 -18.61 -28.95 7.62
CA SER B 244 -18.67 -28.61 6.21
C SER B 244 -20.11 -28.31 5.77
N THR B 245 -21.07 -29.04 6.33
CA THR B 245 -22.49 -28.80 6.10
C THR B 245 -22.82 -27.33 6.31
N LEU B 246 -22.20 -26.73 7.35
CA LEU B 246 -22.43 -25.37 7.79
C LEU B 246 -22.11 -24.39 6.65
N ILE B 247 -20.99 -24.67 5.94
CA ILE B 247 -20.42 -23.79 4.91
C ILE B 247 -21.09 -24.04 3.56
N MET B 248 -21.39 -25.31 3.26
CA MET B 248 -21.91 -25.72 1.96
C MET B 248 -23.30 -25.13 1.74
N GLN B 249 -24.12 -25.13 2.81
CA GLN B 249 -25.48 -24.60 2.75
C GLN B 249 -25.44 -23.10 2.50
N LEU B 250 -24.23 -22.53 2.43
CA LEU B 250 -23.98 -21.13 2.11
C LEU B 250 -23.75 -20.96 0.61
N LEU B 251 -22.90 -21.82 0.01
CA LEU B 251 -22.64 -21.77 -1.43
C LEU B 251 -23.96 -21.80 -2.20
N ARG B 252 -24.94 -22.55 -1.70
CA ARG B 252 -26.28 -22.58 -2.26
C ARG B 252 -27.03 -21.29 -1.89
N ASP B 253 -27.10 -20.98 -0.58
CA ASP B 253 -27.81 -19.84 -0.02
C ASP B 253 -27.49 -18.56 -0.78
N ASN B 254 -26.25 -18.50 -1.29
CA ASN B 254 -25.68 -17.47 -2.15
C ASN B 254 -26.21 -17.62 -3.56
N LEU B 255 -26.10 -18.84 -4.12
CA LEU B 255 -26.50 -19.18 -5.46
C LEU B 255 -28.01 -19.00 -5.67
N THR B 256 -28.78 -19.04 -4.55
CA THR B 256 -30.16 -18.57 -4.49
C THR B 256 -30.26 -17.15 -5.06
N LEU B 257 -29.44 -16.25 -4.50
CA LEU B 257 -29.50 -14.83 -4.79
C LEU B 257 -28.87 -14.51 -6.14
N TRP B 258 -27.86 -15.29 -6.56
CA TRP B 258 -27.19 -15.03 -7.83
C TRP B 258 -27.86 -15.77 -8.99
N THR B 259 -29.01 -16.43 -8.73
CA THR B 259 -29.87 -16.98 -9.78
C THR B 259 -31.34 -16.85 -9.36
#